data_3UJJ
#
_entry.id   3UJJ
#
_cell.length_a   136.143
_cell.length_b   136.143
_cell.length_c   73.411
_cell.angle_alpha   90.00
_cell.angle_beta   90.00
_cell.angle_gamma   120.00
#
_symmetry.space_group_name_H-M   'P 31 2 1'
#
loop_
_entity.id
_entity.type
_entity.pdbx_description
1 polymer 'Light chain of anti-HIV-1 V3 monoclonal antibody 4025'
2 polymer 'Fab region of the heavy chain of anti-HIV-1 V3 monoclonal antibody 4025'
3 polymer Gp120
4 non-polymer GLYCEROL
5 non-polymer 'SULFATE ION'
6 non-polymer 'ACETATE ION'
7 water water
#
loop_
_entity_poly.entity_id
_entity_poly.type
_entity_poly.pdbx_seq_one_letter_code
_entity_poly.pdbx_strand_id
1 'polypeptide(L)'
;SYELTQPPSVSVSPGQTARITCSGDALPEKYAYWYQQKSGQAPVLIIYEDSKRPSGIPERFSGSRSGTMATLTISGAQVD
DEADYYCYSTNSGGTFFVFGTGTKVTVLGQPKANPTVTLFPPSSEELQANKATLVCLISDFYPGAVTVAWKADSSPVKAG
VETTTPSKQSNNKYAASSYLSLTPEQWKSHRSYSCQVTHEGSTVEKTVAPTEC
;
L
2 'polypeptide(L)'
;EVQLVQSGAEVKKPGESLKISCKASGYSFSSYWIAWVRQMPGKGLEWMGFIYPADSDTRYSPSFQGQGTISADKSISTAY
LQWSSLKASDTAMYYCAILGFWGANRGGGGMDVWGQGTTVIVSSASTKGPSVFPLAPSSKSTSGGTAALGCLVKDYFPEP
VTVSWNSGALTSGVHTFPAVLQSSGLYSLSSVVTVPSSSLGTQTYICNVNHKPSNTKVDKKVEPKSCDKT
;
H
3 'polypeptide(L)' NNTRKSIRIGPGQAFYATGDIIG P
#
loop_
_chem_comp.id
_chem_comp.type
_chem_comp.name
_chem_comp.formula
ACT non-polymer 'ACETATE ION' 'C2 H3 O2 -1'
GOL non-polymer GLYCEROL 'C3 H8 O3'
SO4 non-polymer 'SULFATE ION' 'O4 S -2'
#
# COMPACT_ATOMS: atom_id res chain seq x y z
N SER A 1 -15.69 -18.99 -5.50
CA SER A 1 -16.45 -18.92 -4.26
C SER A 1 -17.12 -17.55 -4.09
N TYR A 2 -17.98 -17.43 -3.08
CA TYR A 2 -18.77 -16.22 -2.85
C TYR A 2 -17.94 -14.96 -2.80
N GLU A 3 -18.40 -13.94 -3.54
CA GLU A 3 -17.73 -12.64 -3.57
C GLU A 3 -18.73 -11.50 -3.35
N LEU A 4 -18.29 -10.44 -2.70
CA LEU A 4 -19.10 -9.24 -2.53
C LEU A 4 -18.50 -8.14 -3.39
N THR A 5 -19.32 -7.54 -4.25
CA THR A 5 -18.84 -6.56 -5.22
C THR A 5 -19.05 -5.11 -4.72
N GLN A 6 -18.03 -4.28 -4.90
CA GLN A 6 -18.07 -2.86 -4.56
C GLN A 6 -17.50 -2.02 -5.71
N PRO A 7 -18.00 -0.79 -5.89
CA PRO A 7 -17.30 0.08 -6.84
C PRO A 7 -15.93 0.45 -6.25
N PRO A 8 -14.90 0.50 -7.09
CA PRO A 8 -13.56 0.78 -6.54
C PRO A 8 -13.34 2.22 -6.07
N SER A 9 -14.11 3.16 -6.61
CA SER A 9 -13.86 4.60 -6.39
C SER A 9 -15.14 5.38 -6.22
N VAL A 10 -15.20 6.15 -5.14
CA VAL A 10 -16.27 7.11 -4.93
C VAL A 10 -15.60 8.41 -4.50
N SER A 11 -16.04 9.53 -5.07
CA SER A 11 -15.49 10.84 -4.73
C SER A 11 -16.58 11.78 -4.25
N VAL A 12 -16.28 12.58 -3.24
CA VAL A 12 -17.20 13.62 -2.76
C VAL A 12 -16.45 14.86 -2.33
N SER A 13 -17.17 15.99 -2.31
CA SER A 13 -16.68 17.21 -1.67
C SER A 13 -17.13 17.22 -0.22
N PRO A 14 -16.38 17.92 0.65
CA PRO A 14 -16.75 18.02 2.06
C PRO A 14 -18.18 18.54 2.22
N GLY A 15 -18.95 17.93 3.11
CA GLY A 15 -20.33 18.33 3.30
C GLY A 15 -21.30 17.56 2.44
N GLN A 16 -20.80 16.91 1.38
CA GLN A 16 -21.70 16.12 0.54
C GLN A 16 -21.91 14.72 1.11
N THR A 17 -22.85 13.99 0.52
CA THR A 17 -23.16 12.63 0.94
C THR A 17 -22.49 11.61 0.04
N ALA A 18 -21.70 10.72 0.63
CA ALA A 18 -21.13 9.60 -0.14
C ALA A 18 -21.92 8.33 0.14
N ARG A 19 -22.16 7.56 -0.91
CA ARG A 19 -22.83 6.28 -0.82
C ARG A 19 -21.96 5.19 -1.41
N ILE A 20 -21.81 4.11 -0.65
CA ILE A 20 -20.94 3.00 -1.04
C ILE A 20 -21.77 1.72 -1.05
N THR A 21 -21.86 1.07 -2.21
CA THR A 21 -22.65 -0.13 -2.33
C THR A 21 -21.83 -1.42 -2.25
N CYS A 22 -22.51 -2.48 -1.84
CA CYS A 22 -21.92 -3.80 -1.68
C CYS A 22 -22.96 -4.80 -2.17
N SER A 23 -22.60 -5.64 -3.14
CA SER A 23 -23.57 -6.55 -3.74
C SER A 23 -23.12 -8.01 -3.71
N GLY A 24 -24.06 -8.90 -3.40
CA GLY A 24 -23.78 -10.34 -3.42
C GLY A 24 -25.08 -11.12 -3.29
N ASP A 25 -25.14 -12.31 -3.87
CA ASP A 25 -26.41 -13.05 -3.92
C ASP A 25 -26.85 -13.70 -2.59
N ALA A 26 -26.01 -13.62 -1.56
CA ALA A 26 -26.35 -14.19 -0.24
C ALA A 26 -26.85 -13.12 0.72
N LEU A 27 -26.66 -11.86 0.33
CA LEU A 27 -27.12 -10.71 1.12
C LEU A 27 -28.63 -10.65 1.42
N PRO A 28 -29.51 -11.25 0.57
CA PRO A 28 -30.91 -11.18 1.02
C PRO A 28 -31.16 -11.79 2.40
N GLU A 29 -30.31 -12.70 2.88
CA GLU A 29 -30.55 -13.34 4.17
C GLU A 29 -29.44 -13.13 5.19
N LYS A 30 -28.35 -12.52 4.77
CA LYS A 30 -27.17 -12.40 5.64
C LYS A 30 -26.86 -10.94 5.96
N TYR A 31 -26.55 -10.66 7.22
CA TYR A 31 -26.13 -9.32 7.63
C TYR A 31 -24.92 -8.81 6.87
N ALA A 32 -24.89 -7.50 6.63
CA ALA A 32 -23.71 -6.81 6.15
C ALA A 32 -23.00 -6.11 7.31
N TYR A 33 -21.69 -5.96 7.18
CA TYR A 33 -20.85 -5.24 8.15
C TYR A 33 -19.96 -4.31 7.34
N TRP A 34 -19.55 -3.20 7.92
CA TRP A 34 -18.68 -2.27 7.21
C TRP A 34 -17.44 -1.94 8.01
N TYR A 35 -16.29 -1.92 7.33
CA TYR A 35 -15.04 -1.54 7.97
C TYR A 35 -14.42 -0.35 7.25
N GLN A 36 -13.83 0.56 8.03
CA GLN A 36 -13.11 1.71 7.51
C GLN A 36 -11.63 1.45 7.70
N GLN A 37 -10.82 1.69 6.66
CA GLN A 37 -9.38 1.58 6.85
C GLN A 37 -8.66 2.79 6.28
N LYS A 38 -8.04 3.55 7.18
CA LYS A 38 -7.25 4.69 6.75
C LYS A 38 -5.85 4.24 6.40
N SER A 39 -5.21 5.03 5.54
CA SER A 39 -3.83 4.78 5.13
C SER A 39 -2.93 4.56 6.35
N GLY A 40 -2.19 3.46 6.34
CA GLY A 40 -1.28 3.12 7.41
C GLY A 40 -1.88 2.52 8.67
N GLN A 41 -3.19 2.30 8.68
CA GLN A 41 -3.88 1.88 9.91
C GLN A 41 -4.62 0.55 9.76
N ALA A 42 -4.95 -0.08 10.88
CA ALA A 42 -5.73 -1.30 10.87
C ALA A 42 -7.17 -0.96 10.60
N PRO A 43 -7.96 -1.95 10.12
CA PRO A 43 -9.37 -1.66 9.89
C PRO A 43 -10.12 -1.41 11.20
N VAL A 44 -11.22 -0.68 11.11
CA VAL A 44 -12.08 -0.36 12.24
C VAL A 44 -13.52 -0.69 11.84
N LEU A 45 -14.22 -1.41 12.70
CA LEU A 45 -15.62 -1.70 12.49
C LEU A 45 -16.47 -0.44 12.67
N ILE A 46 -17.24 -0.08 11.64
CA ILE A 46 -18.06 1.12 11.74
C ILE A 46 -19.56 0.82 11.68
N ILE A 47 -19.93 -0.31 11.09
CA ILE A 47 -21.34 -0.71 11.02
C ILE A 47 -21.40 -2.22 11.16
N TYR A 48 -22.31 -2.71 11.98
CA TYR A 48 -22.55 -4.15 12.07
C TYR A 48 -24.05 -4.42 11.98
N GLU A 49 -24.41 -5.60 11.51
CA GLU A 49 -25.81 -5.98 11.32
C GLU A 49 -26.61 -4.93 10.53
N ASP A 50 -26.08 -4.59 9.35
CA ASP A 50 -26.69 -3.68 8.40
C ASP A 50 -26.61 -2.21 8.74
N SER A 51 -26.96 -1.87 9.99
CA SER A 51 -27.27 -0.48 10.32
C SER A 51 -26.80 0.01 11.69
N LYS A 52 -26.16 -0.84 12.47
CA LYS A 52 -25.81 -0.49 13.83
C LYS A 52 -24.39 0.07 13.97
N ARG A 53 -24.27 1.23 14.62
CA ARG A 53 -22.97 1.85 14.87
C ARG A 53 -22.44 1.43 16.24
N PRO A 54 -21.18 0.98 16.31
CA PRO A 54 -20.56 0.84 17.64
C PRO A 54 -20.40 2.23 18.28
N SER A 55 -20.38 2.31 19.61
CA SER A 55 -20.24 3.64 20.22
C SER A 55 -18.90 4.27 19.87
N GLY A 56 -18.90 5.58 19.68
CA GLY A 56 -17.69 6.27 19.28
C GLY A 56 -17.64 6.50 17.78
N ILE A 57 -18.45 5.75 17.04
CA ILE A 57 -18.60 5.97 15.61
C ILE A 57 -19.63 7.07 15.36
N PRO A 58 -19.25 8.10 14.58
CA PRO A 58 -20.10 9.27 14.35
C PRO A 58 -21.41 8.93 13.61
N GLU A 59 -22.47 9.65 13.95
CA GLU A 59 -23.79 9.38 13.40
C GLU A 59 -23.89 9.62 11.90
N ARG A 60 -22.93 10.33 11.33
CA ARG A 60 -22.93 10.55 9.89
C ARG A 60 -22.71 9.27 9.07
N PHE A 61 -22.22 8.22 9.72
CA PHE A 61 -22.15 6.89 9.11
C PHE A 61 -23.43 6.11 9.35
N SER A 62 -24.11 5.73 8.28
CA SER A 62 -25.27 4.86 8.41
C SER A 62 -25.24 3.76 7.35
N GLY A 63 -26.02 2.72 7.57
CA GLY A 63 -26.03 1.60 6.67
C GLY A 63 -27.41 1.01 6.51
N SER A 64 -27.63 0.35 5.38
CA SER A 64 -28.87 -0.38 5.16
C SER A 64 -28.56 -1.61 4.30
N ARG A 65 -29.51 -2.54 4.23
CA ARG A 65 -29.37 -3.70 3.38
C ARG A 65 -30.73 -4.08 2.85
N SER A 66 -30.81 -4.41 1.56
CA SER A 66 -32.06 -4.83 0.97
C SER A 66 -31.81 -5.70 -0.24
N GLY A 67 -32.34 -6.92 -0.21
CA GLY A 67 -32.11 -7.86 -1.29
C GLY A 67 -30.62 -8.14 -1.46
N THR A 68 -30.11 -7.97 -2.68
CA THR A 68 -28.74 -8.32 -2.96
C THR A 68 -27.76 -7.18 -2.73
N MET A 69 -28.19 -6.12 -2.06
CA MET A 69 -27.33 -4.95 -1.92
C MET A 69 -27.35 -4.38 -0.52
N ALA A 70 -26.17 -3.98 -0.03
CA ALA A 70 -26.06 -3.23 1.22
C ALA A 70 -25.41 -1.91 0.86
N THR A 71 -25.78 -0.85 1.57
CA THR A 71 -25.25 0.47 1.27
C THR A 71 -24.74 1.17 2.53
N LEU A 72 -23.52 1.67 2.45
CA LEU A 72 -22.96 2.50 3.50
C LEU A 72 -23.13 3.94 3.05
N THR A 73 -23.66 4.78 3.93
CA THR A 73 -23.88 6.19 3.59
C THR A 73 -23.06 7.06 4.53
N ILE A 74 -22.31 7.99 3.97
CA ILE A 74 -21.56 8.94 4.79
C ILE A 74 -22.16 10.32 4.52
N SER A 75 -22.99 10.79 5.43
CA SER A 75 -23.58 12.12 5.29
C SER A 75 -22.58 13.18 5.73
N GLY A 76 -22.65 14.37 5.13
CA GLY A 76 -21.77 15.46 5.49
C GLY A 76 -20.31 15.05 5.58
N ALA A 77 -19.81 14.46 4.49
CA ALA A 77 -18.47 13.91 4.45
C ALA A 77 -17.41 14.90 4.93
N GLN A 78 -16.51 14.42 5.76
CA GLN A 78 -15.42 15.23 6.23
C GLN A 78 -14.12 14.78 5.55
N VAL A 79 -13.16 15.67 5.52
CA VAL A 79 -11.84 15.39 4.95
C VAL A 79 -11.22 14.14 5.58
N ASP A 80 -11.42 13.96 6.88
CA ASP A 80 -10.86 12.80 7.59
C ASP A 80 -11.63 11.49 7.35
N ASP A 81 -12.68 11.54 6.55
CA ASP A 81 -13.43 10.33 6.21
C ASP A 81 -12.82 9.64 4.99
N GLU A 82 -11.85 10.28 4.37
CA GLU A 82 -11.17 9.68 3.22
C GLU A 82 -10.45 8.41 3.69
N ALA A 83 -10.80 7.29 3.08
CA ALA A 83 -10.31 5.99 3.53
C ALA A 83 -10.77 4.91 2.56
N ASP A 84 -10.28 3.71 2.75
CA ASP A 84 -10.87 2.54 2.09
C ASP A 84 -12.01 2.00 2.95
N TYR A 85 -13.12 1.62 2.32
CA TYR A 85 -14.25 1.03 3.03
C TYR A 85 -14.56 -0.34 2.45
N TYR A 86 -14.67 -1.33 3.33
CA TYR A 86 -14.89 -2.72 2.98
C TYR A 86 -16.19 -3.24 3.58
N CYS A 87 -17.06 -3.82 2.76
CA CYS A 87 -18.22 -4.52 3.32
C CYS A 87 -17.78 -5.93 3.67
N TYR A 88 -18.66 -6.68 4.31
CA TYR A 88 -18.26 -7.95 4.88
C TYR A 88 -19.52 -8.73 5.22
N SER A 89 -19.53 -10.02 4.93
CA SER A 89 -20.72 -10.85 5.15
C SER A 89 -20.33 -12.31 5.04
N THR A 90 -21.30 -13.22 5.19
CA THR A 90 -21.00 -14.65 5.05
C THR A 90 -21.55 -15.13 3.72
N ASN A 91 -21.08 -16.30 3.29
CA ASN A 91 -21.71 -17.00 2.17
C ASN A 91 -23.08 -17.48 2.59
N SER A 92 -23.84 -18.04 1.65
CA SER A 92 -25.22 -18.40 1.96
C SER A 92 -25.27 -19.57 2.94
N GLY A 93 -24.29 -20.46 2.86
CA GLY A 93 -24.20 -21.59 3.78
C GLY A 93 -23.72 -21.26 5.19
N GLY A 94 -23.30 -20.01 5.43
CA GLY A 94 -22.81 -19.61 6.73
C GLY A 94 -21.57 -20.38 7.19
N THR A 95 -20.67 -20.65 6.25
CA THR A 95 -19.49 -21.43 6.57
C THR A 95 -18.18 -20.64 6.48
N PHE A 96 -18.26 -19.43 5.92
CA PHE A 96 -17.14 -18.51 5.98
C PHE A 96 -17.56 -17.05 5.83
N PHE A 97 -16.68 -16.14 6.24
CA PHE A 97 -16.85 -14.71 6.01
C PHE A 97 -16.01 -14.28 4.79
N VAL A 98 -16.47 -13.25 4.09
CA VAL A 98 -15.70 -12.63 3.03
C VAL A 98 -15.78 -11.11 3.12
N PHE A 99 -14.71 -10.45 2.73
CA PHE A 99 -14.74 -9.01 2.55
C PHE A 99 -15.15 -8.67 1.13
N GLY A 100 -15.83 -7.54 0.96
CA GLY A 100 -16.01 -6.96 -0.37
C GLY A 100 -14.68 -6.50 -0.94
N THR A 101 -14.68 -6.14 -2.21
CA THR A 101 -13.45 -5.77 -2.88
C THR A 101 -12.89 -4.40 -2.47
N GLY A 102 -13.69 -3.60 -1.77
CA GLY A 102 -13.20 -2.33 -1.26
C GLY A 102 -13.49 -1.13 -2.14
N THR A 103 -13.81 -0.02 -1.50
CA THR A 103 -14.09 1.22 -2.20
C THR A 103 -13.20 2.29 -1.60
N LYS A 104 -12.41 2.96 -2.43
CA LYS A 104 -11.64 4.10 -1.95
C LYS A 104 -12.54 5.33 -2.00
N VAL A 105 -12.83 5.90 -0.84
CA VAL A 105 -13.61 7.13 -0.81
C VAL A 105 -12.67 8.34 -0.71
N THR A 106 -12.70 9.16 -1.75
CA THR A 106 -11.87 10.35 -1.83
C THR A 106 -12.70 11.56 -1.43
N VAL A 107 -12.21 12.33 -0.47
CA VAL A 107 -12.87 13.57 -0.11
C VAL A 107 -12.00 14.72 -0.63
N LEU A 108 -12.55 15.48 -1.56
CA LEU A 108 -11.79 16.52 -2.25
C LEU A 108 -11.59 17.73 -1.35
N GLY A 109 -10.47 17.77 -0.63
CA GLY A 109 -10.24 18.78 0.38
C GLY A 109 -9.28 19.86 -0.03
N GLN A 110 -8.94 19.91 -1.31
CA GLN A 110 -8.06 20.97 -1.79
C GLN A 110 -8.24 21.16 -3.29
N PRO A 111 -7.77 22.29 -3.84
CA PRO A 111 -8.00 22.49 -5.27
C PRO A 111 -7.18 21.53 -6.13
N LYS A 112 -7.69 21.25 -7.32
CA LYS A 112 -6.95 20.48 -8.32
C LYS A 112 -5.57 21.08 -8.52
N ALA A 113 -4.58 20.21 -8.74
CA ALA A 113 -3.23 20.65 -9.03
C ALA A 113 -2.58 19.67 -9.99
N ASN A 114 -1.95 20.22 -11.03
CA ASN A 114 -1.32 19.41 -12.06
C ASN A 114 0.12 19.04 -11.70
N PRO A 115 0.58 17.89 -12.19
CA PRO A 115 1.88 17.40 -11.75
C PRO A 115 3.08 18.10 -12.39
N THR A 116 4.16 18.23 -11.62
CA THR A 116 5.47 18.55 -12.16
C THR A 116 6.14 17.23 -12.51
N VAL A 117 6.77 17.15 -13.68
CA VAL A 117 7.38 15.91 -14.15
C VAL A 117 8.85 16.09 -14.51
N THR A 118 9.71 15.24 -13.97
CA THR A 118 11.14 15.28 -14.29
C THR A 118 11.59 13.91 -14.78
N LEU A 119 12.24 13.87 -15.94
CA LEU A 119 12.72 12.61 -16.49
C LEU A 119 14.25 12.59 -16.59
N PHE A 120 14.89 11.58 -15.99
CA PHE A 120 16.35 11.43 -16.08
C PHE A 120 16.69 10.24 -16.96
N PRO A 121 17.70 10.40 -17.82
CA PRO A 121 18.22 9.28 -18.61
C PRO A 121 19.18 8.47 -17.73
N PRO A 122 19.60 7.28 -18.18
CA PRO A 122 20.57 6.53 -17.36
C PRO A 122 21.88 7.31 -17.27
N SER A 123 22.57 7.26 -16.14
CA SER A 123 23.91 7.84 -16.06
C SER A 123 24.90 6.92 -16.77
N SER A 124 25.99 7.50 -17.27
CA SER A 124 27.04 6.70 -17.91
C SER A 124 27.65 5.73 -16.90
N GLU A 125 27.65 6.14 -15.64
CA GLU A 125 28.08 5.27 -14.56
C GLU A 125 27.21 4.02 -14.48
N GLU A 126 25.89 4.17 -14.52
CA GLU A 126 25.00 3.02 -14.47
C GLU A 126 25.15 2.12 -15.71
N LEU A 127 25.33 2.75 -16.87
CA LEU A 127 25.54 2.02 -18.11
C LEU A 127 26.77 1.11 -18.01
N GLN A 128 27.82 1.65 -17.39
CA GLN A 128 29.05 0.91 -17.14
C GLN A 128 28.80 -0.28 -16.20
N ALA A 129 27.83 -0.15 -15.31
CA ALA A 129 27.42 -1.26 -14.45
C ALA A 129 26.49 -2.23 -15.19
N ASN A 130 26.45 -2.13 -16.51
CA ASN A 130 25.65 -2.99 -17.39
C ASN A 130 24.14 -2.91 -17.16
N LYS A 131 23.68 -1.76 -16.72
CA LYS A 131 22.26 -1.56 -16.49
C LYS A 131 21.81 -0.21 -17.01
N ALA A 132 20.50 -0.02 -17.15
CA ALA A 132 19.98 1.26 -17.59
C ALA A 132 18.59 1.53 -17.01
N THR A 133 18.44 2.68 -16.37
CA THR A 133 17.18 3.05 -15.76
C THR A 133 16.80 4.46 -16.17
N LEU A 134 15.62 4.61 -16.77
CA LEU A 134 15.01 5.92 -16.93
C LEU A 134 14.13 6.18 -15.73
N VAL A 135 14.29 7.34 -15.11
CA VAL A 135 13.59 7.70 -13.89
C VAL A 135 12.64 8.87 -14.14
N CYS A 136 11.35 8.62 -14.00
CA CYS A 136 10.35 9.67 -14.22
C CYS A 136 9.73 10.02 -12.87
N LEU A 137 10.01 11.21 -12.37
CA LEU A 137 9.50 11.65 -11.07
C LEU A 137 8.35 12.63 -11.22
N ILE A 138 7.29 12.40 -10.45
CA ILE A 138 6.03 13.13 -10.61
C ILE A 138 5.57 13.66 -9.26
N SER A 139 5.33 14.96 -9.17
CA SER A 139 5.05 15.57 -7.89
C SER A 139 4.02 16.71 -7.95
N ASP A 140 3.54 17.08 -6.77
CA ASP A 140 2.62 18.21 -6.58
C ASP A 140 1.34 18.10 -7.38
N PHE A 141 0.74 16.91 -7.41
CA PHE A 141 -0.54 16.79 -8.07
C PHE A 141 -1.68 16.50 -7.09
N TYR A 142 -2.89 16.91 -7.45
CA TYR A 142 -4.10 16.61 -6.69
C TYR A 142 -5.30 16.61 -7.64
N PRO A 143 -6.22 15.65 -7.49
CA PRO A 143 -6.20 14.54 -6.51
C PRO A 143 -5.13 13.48 -6.81
N GLY A 144 -5.05 12.46 -5.95
CA GLY A 144 -3.94 11.54 -5.96
C GLY A 144 -4.08 10.40 -6.93
N ALA A 145 -4.11 10.73 -8.22
CA ALA A 145 -4.17 9.72 -9.26
C ALA A 145 -3.53 10.24 -10.53
N VAL A 146 -2.69 9.42 -11.15
CA VAL A 146 -2.12 9.73 -12.46
C VAL A 146 -1.99 8.46 -13.26
N THR A 147 -1.78 8.63 -14.56
CA THR A 147 -1.51 7.53 -15.46
C THR A 147 -0.21 7.83 -16.19
N VAL A 148 0.68 6.84 -16.24
CA VAL A 148 1.99 7.01 -16.83
C VAL A 148 2.12 6.08 -18.02
N ALA A 149 2.54 6.62 -19.15
CA ALA A 149 2.82 5.81 -20.33
C ALA A 149 4.23 6.11 -20.82
N TRP A 150 4.95 5.06 -21.20
CA TRP A 150 6.31 5.21 -21.71
C TRP A 150 6.30 4.98 -23.20
N LYS A 151 7.14 5.71 -23.93
CA LYS A 151 7.30 5.46 -25.37
C LYS A 151 8.77 5.41 -25.76
N ALA A 152 9.08 4.56 -26.73
CA ALA A 152 10.43 4.48 -27.29
C ALA A 152 10.30 4.75 -28.76
N ASP A 153 10.98 5.81 -29.23
CA ASP A 153 10.85 6.27 -30.60
C ASP A 153 9.37 6.41 -30.97
N SER A 154 8.61 7.00 -30.06
CA SER A 154 7.18 7.24 -30.22
C SER A 154 6.25 6.00 -30.24
N SER A 155 6.78 4.81 -29.99
CA SER A 155 5.93 3.63 -29.82
C SER A 155 5.83 3.19 -28.34
N PRO A 156 4.63 2.74 -27.92
CA PRO A 156 4.39 2.39 -26.51
C PRO A 156 5.33 1.28 -26.04
N VAL A 157 5.84 1.44 -24.82
CA VAL A 157 6.65 0.42 -24.18
C VAL A 157 5.96 -0.01 -22.91
N LYS A 158 5.79 -1.32 -22.74
CA LYS A 158 5.13 -1.82 -21.54
C LYS A 158 6.06 -2.68 -20.66
N ALA A 159 6.98 -3.40 -21.29
CA ALA A 159 7.93 -4.20 -20.55
C ALA A 159 8.93 -3.32 -19.82
N GLY A 160 9.33 -3.71 -18.63
CA GLY A 160 10.39 -3.03 -17.90
C GLY A 160 9.91 -1.83 -17.10
N VAL A 161 8.60 -1.64 -17.04
CA VAL A 161 8.03 -0.50 -16.34
C VAL A 161 7.61 -0.82 -14.90
N GLU A 162 8.06 -0.02 -13.96
CA GLU A 162 7.57 -0.13 -12.59
C GLU A 162 7.12 1.24 -12.12
N THR A 163 5.87 1.33 -11.69
CA THR A 163 5.29 2.60 -11.25
C THR A 163 4.76 2.52 -9.82
N THR A 164 5.11 3.49 -8.99
CA THR A 164 4.59 3.50 -7.62
C THR A 164 3.19 4.10 -7.59
N THR A 165 2.40 3.73 -6.59
CA THR A 165 1.10 4.35 -6.42
C THR A 165 1.36 5.72 -5.82
N PRO A 166 0.44 6.67 -6.03
CA PRO A 166 0.65 8.01 -5.48
C PRO A 166 0.78 7.97 -3.97
N SER A 167 1.61 8.85 -3.44
CA SER A 167 1.85 8.92 -2.02
C SER A 167 1.78 10.37 -1.61
N LYS A 168 1.22 10.61 -0.43
CA LYS A 168 0.90 11.94 0.02
C LYS A 168 2.15 12.69 0.46
N GLN A 169 2.34 13.87 -0.11
CA GLN A 169 3.45 14.71 0.26
C GLN A 169 3.13 15.44 1.56
N SER A 170 4.11 16.14 2.10
CA SER A 170 3.90 16.93 3.32
C SER A 170 2.89 18.05 3.08
N ASN A 171 2.92 18.63 1.87
CA ASN A 171 2.03 19.72 1.50
C ASN A 171 0.62 19.25 1.13
N ASN A 172 0.39 17.95 1.30
CA ASN A 172 -0.91 17.31 1.03
C ASN A 172 -1.25 17.10 -0.44
N LYS A 173 -0.37 17.54 -1.33
CA LYS A 173 -0.46 17.10 -2.72
C LYS A 173 0.17 15.73 -2.81
N TYR A 174 0.21 15.15 -4.01
CA TYR A 174 0.71 13.79 -4.15
C TYR A 174 1.97 13.71 -5.00
N ALA A 175 2.68 12.60 -4.83
CA ALA A 175 3.85 12.29 -5.64
C ALA A 175 3.77 10.86 -6.14
N ALA A 176 4.49 10.58 -7.22
CA ALA A 176 4.64 9.23 -7.71
C ALA A 176 5.92 9.18 -8.53
N SER A 177 6.39 7.96 -8.83
CA SER A 177 7.55 7.81 -9.68
C SER A 177 7.38 6.58 -10.56
N SER A 178 8.04 6.59 -11.71
CA SER A 178 7.93 5.46 -12.64
C SER A 178 9.29 5.21 -13.25
N TYR A 179 9.63 3.93 -13.38
CA TYR A 179 10.97 3.53 -13.80
C TYR A 179 10.84 2.70 -15.05
N LEU A 180 11.67 2.99 -16.06
CA LEU A 180 11.76 2.13 -17.23
C LEU A 180 13.12 1.45 -17.21
N SER A 181 13.09 0.12 -17.15
CA SER A 181 14.31 -0.66 -17.06
C SER A 181 14.71 -1.17 -18.44
N LEU A 182 15.95 -0.91 -18.85
CA LEU A 182 16.46 -1.30 -20.16
C LEU A 182 17.87 -1.90 -20.04
N THR A 183 18.30 -2.61 -21.08
CA THR A 183 19.72 -2.94 -21.19
C THR A 183 20.41 -1.73 -21.80
N PRO A 184 21.74 -1.60 -21.56
CA PRO A 184 22.47 -0.51 -22.21
C PRO A 184 22.36 -0.56 -23.74
N GLU A 185 22.16 -1.75 -24.29
CA GLU A 185 22.06 -1.94 -25.73
C GLU A 185 20.79 -1.29 -26.27
N GLN A 186 19.67 -1.57 -25.60
CA GLN A 186 18.40 -0.96 -25.95
C GLN A 186 18.47 0.55 -25.91
N TRP A 187 19.06 1.06 -24.83
CA TRP A 187 19.15 2.49 -24.63
C TRP A 187 19.91 3.16 -25.78
N LYS A 188 21.03 2.56 -26.18
CA LYS A 188 21.88 3.15 -27.20
C LYS A 188 21.29 3.03 -28.61
N SER A 189 20.40 2.05 -28.80
CA SER A 189 19.92 1.73 -30.13
C SER A 189 18.70 2.56 -30.54
N HIS A 190 17.97 3.07 -29.56
CA HIS A 190 16.83 3.94 -29.83
C HIS A 190 17.25 5.40 -29.82
N ARG A 191 16.36 6.28 -30.24
CA ARG A 191 16.73 7.68 -30.38
C ARG A 191 15.91 8.62 -29.51
N SER A 192 14.82 8.12 -28.95
CA SER A 192 14.04 8.92 -28.00
C SER A 192 13.25 8.03 -27.06
N TYR A 193 13.15 8.46 -25.81
CA TYR A 193 12.31 7.81 -24.82
C TYR A 193 11.50 8.89 -24.13
N SER A 194 10.22 8.65 -23.94
CA SER A 194 9.41 9.66 -23.30
C SER A 194 8.57 9.09 -22.16
N CYS A 195 8.39 9.91 -21.15
CA CYS A 195 7.52 9.58 -20.05
C CYS A 195 6.34 10.53 -20.17
N GLN A 196 5.15 9.98 -20.34
CA GLN A 196 3.95 10.80 -20.51
C GLN A 196 3.00 10.63 -19.33
N VAL A 197 2.77 11.72 -18.59
CA VAL A 197 1.95 11.66 -17.39
C VAL A 197 0.61 12.36 -17.60
N THR A 198 -0.47 11.61 -17.46
CA THR A 198 -1.83 12.14 -17.62
C THR A 198 -2.52 12.31 -16.26
N HIS A 199 -3.16 13.45 -16.07
CA HIS A 199 -3.87 13.77 -14.83
C HIS A 199 -5.05 14.68 -15.17
N GLU A 200 -6.26 14.16 -14.96
CA GLU A 200 -7.47 14.92 -15.29
C GLU A 200 -7.48 15.32 -16.78
N GLY A 201 -7.30 16.61 -17.05
CA GLY A 201 -7.28 17.09 -18.42
C GLY A 201 -5.90 17.45 -18.96
N SER A 202 -4.87 17.28 -18.15
CA SER A 202 -3.52 17.66 -18.53
C SER A 202 -2.64 16.45 -18.83
N THR A 203 -1.91 16.52 -19.93
CA THR A 203 -0.84 15.55 -20.15
C THR A 203 0.49 16.27 -20.17
N VAL A 204 1.44 15.80 -19.36
CA VAL A 204 2.77 16.36 -19.37
C VAL A 204 3.73 15.31 -19.91
N GLU A 205 4.52 15.68 -20.90
CA GLU A 205 5.47 14.74 -21.49
C GLU A 205 6.90 15.25 -21.39
N LYS A 206 7.82 14.37 -21.02
CA LYS A 206 9.25 14.67 -21.03
C LYS A 206 9.93 13.60 -21.86
N THR A 207 10.99 13.99 -22.56
CA THR A 207 11.69 13.09 -23.48
C THR A 207 13.19 13.14 -23.26
N VAL A 208 13.85 11.97 -23.31
CA VAL A 208 15.30 11.95 -23.29
C VAL A 208 15.82 11.17 -24.49
N ALA A 209 17.08 11.41 -24.84
CA ALA A 209 17.71 10.74 -25.97
C ALA A 209 19.16 10.40 -25.63
N PRO A 210 19.63 9.22 -26.07
CA PRO A 210 21.04 8.90 -25.84
C PRO A 210 21.99 9.80 -26.62
N THR A 211 21.58 10.31 -27.78
CA THR A 211 22.49 11.08 -28.65
C THR A 211 22.38 12.59 -28.45
N GLU A 212 21.42 13.01 -27.63
CA GLU A 212 21.31 14.43 -27.28
C GLU A 212 21.78 14.63 -25.84
N CYS A 213 22.09 15.88 -25.48
CA CYS A 213 22.53 16.18 -24.12
C CYS A 213 21.39 16.71 -23.26
N GLU B 1 -7.28 -3.37 30.03
CA GLU B 1 -7.64 -2.95 28.68
C GLU B 1 -7.64 -4.15 27.74
N VAL B 2 -8.73 -4.30 26.99
CA VAL B 2 -8.84 -5.39 26.04
C VAL B 2 -7.86 -5.13 24.91
N GLN B 3 -7.06 -6.13 24.56
CA GLN B 3 -5.94 -5.89 23.67
C GLN B 3 -5.46 -7.16 22.96
N LEU B 4 -5.05 -7.00 21.71
CA LEU B 4 -4.35 -8.06 20.99
C LEU B 4 -3.00 -7.51 20.51
N VAL B 5 -1.91 -8.17 20.88
CA VAL B 5 -0.59 -7.70 20.48
C VAL B 5 0.08 -8.75 19.61
N GLN B 6 0.49 -8.33 18.42
CA GLN B 6 1.05 -9.26 17.45
C GLN B 6 2.57 -9.22 17.46
N SER B 7 3.17 -10.31 17.01
CA SER B 7 4.63 -10.43 16.94
C SER B 7 5.18 -9.52 15.85
N GLY B 8 6.51 -9.38 15.84
CA GLY B 8 7.19 -8.39 15.03
C GLY B 8 7.36 -8.76 13.56
N ALA B 9 7.85 -7.79 12.79
CA ALA B 9 8.04 -7.95 11.35
C ALA B 9 8.95 -9.12 11.02
N GLU B 10 8.68 -9.78 9.91
CA GLU B 10 9.43 -10.96 9.50
C GLU B 10 9.89 -10.83 8.06
N VAL B 11 11.12 -11.25 7.80
CA VAL B 11 11.62 -11.35 6.43
C VAL B 11 12.12 -12.77 6.24
N LYS B 12 11.53 -13.49 5.30
CA LYS B 12 11.88 -14.89 5.09
C LYS B 12 12.12 -15.21 3.62
N LYS B 13 12.66 -16.40 3.36
CA LYS B 13 12.80 -16.90 2.01
C LYS B 13 11.76 -17.96 1.70
N PRO B 14 11.41 -18.11 0.42
CA PRO B 14 10.51 -19.21 0.03
C PRO B 14 11.00 -20.57 0.53
N GLY B 15 10.09 -21.40 1.03
CA GLY B 15 10.46 -22.71 1.51
C GLY B 15 10.65 -22.76 3.01
N GLU B 16 10.88 -21.61 3.63
CA GLU B 16 11.09 -21.55 5.06
C GLU B 16 9.76 -21.62 5.82
N SER B 17 9.82 -21.99 7.09
CA SER B 17 8.62 -22.09 7.89
C SER B 17 8.49 -20.83 8.72
N LEU B 18 7.28 -20.51 9.16
CA LEU B 18 7.09 -19.32 9.98
C LEU B 18 5.82 -19.45 10.79
N LYS B 19 5.89 -19.01 12.03
CA LYS B 19 4.74 -18.98 12.91
C LYS B 19 4.66 -17.61 13.55
N ILE B 20 3.56 -16.89 13.29
CA ILE B 20 3.39 -15.57 13.88
C ILE B 20 2.31 -15.68 14.94
N SER B 21 2.32 -14.73 15.89
CA SER B 21 1.49 -14.89 17.08
C SER B 21 0.64 -13.67 17.40
N CYS B 22 -0.42 -13.93 18.14
CA CYS B 22 -1.37 -12.90 18.53
C CYS B 22 -1.69 -13.10 19.99
N LYS B 23 -1.11 -12.24 20.84
CA LYS B 23 -1.24 -12.33 22.29
C LYS B 23 -2.44 -11.53 22.81
N ALA B 24 -3.41 -12.22 23.40
CA ALA B 24 -4.60 -11.55 23.94
C ALA B 24 -4.42 -11.20 25.41
N SER B 25 -5.04 -10.11 25.84
CA SER B 25 -5.11 -9.80 27.27
C SER B 25 -6.31 -8.92 27.60
N GLY B 26 -6.68 -8.90 28.88
CA GLY B 26 -7.74 -8.03 29.34
C GLY B 26 -9.14 -8.59 29.18
N TYR B 27 -9.25 -9.86 28.82
CA TYR B 27 -10.55 -10.50 28.66
C TYR B 27 -10.45 -12.02 28.72
N SER B 28 -11.58 -12.70 28.69
CA SER B 28 -11.60 -14.16 28.67
C SER B 28 -11.32 -14.75 27.29
N PHE B 29 -10.05 -15.09 27.05
CA PHE B 29 -9.56 -15.56 25.75
C PHE B 29 -10.35 -16.72 25.16
N SER B 30 -10.80 -17.64 26.02
CA SER B 30 -11.50 -18.83 25.55
C SER B 30 -12.85 -18.55 24.92
N SER B 31 -13.42 -17.40 25.22
CA SER B 31 -14.83 -17.16 24.91
C SER B 31 -15.13 -16.37 23.65
N TYR B 32 -14.12 -15.96 22.90
CA TYR B 32 -14.33 -15.16 21.68
C TYR B 32 -13.55 -15.74 20.51
N TRP B 33 -14.19 -15.75 19.34
CA TRP B 33 -13.53 -16.18 18.12
C TRP B 33 -12.42 -15.20 17.81
N ILE B 34 -11.28 -15.73 17.38
CA ILE B 34 -10.18 -14.90 16.87
C ILE B 34 -10.01 -15.16 15.37
N ALA B 35 -10.05 -14.11 14.56
CA ALA B 35 -9.90 -14.25 13.12
C ALA B 35 -8.54 -13.78 12.62
N TRP B 36 -8.11 -14.34 11.49
CA TRP B 36 -6.89 -13.87 10.83
C TRP B 36 -7.22 -13.25 9.48
N VAL B 37 -6.68 -12.06 9.24
CA VAL B 37 -6.96 -11.31 8.01
C VAL B 37 -5.66 -10.99 7.26
N ARG B 38 -5.65 -11.29 5.96
CA ARG B 38 -4.46 -11.06 5.15
C ARG B 38 -4.65 -9.81 4.32
N GLN B 39 -3.63 -8.97 4.24
CA GLN B 39 -3.69 -7.87 3.30
C GLN B 39 -2.37 -7.75 2.55
N MET B 40 -2.39 -8.18 1.29
CA MET B 40 -1.20 -8.12 0.43
C MET B 40 -0.90 -6.66 0.09
N PRO B 41 0.38 -6.35 -0.22
CA PRO B 41 0.74 -4.94 -0.39
C PRO B 41 -0.15 -4.24 -1.41
N GLY B 42 -0.82 -3.17 -0.96
CA GLY B 42 -1.72 -2.41 -1.80
C GLY B 42 -3.03 -3.07 -2.20
N LYS B 43 -3.37 -4.21 -1.60
CA LYS B 43 -4.60 -4.91 -1.98
C LYS B 43 -5.64 -4.85 -0.86
N GLY B 44 -6.73 -5.58 -1.03
CA GLY B 44 -7.82 -5.50 -0.07
C GLY B 44 -7.66 -6.47 1.09
N LEU B 45 -8.62 -6.42 2.03
CA LEU B 45 -8.65 -7.33 3.17
C LEU B 45 -9.19 -8.69 2.75
N GLU B 46 -8.56 -9.76 3.23
CA GLU B 46 -9.06 -11.11 2.96
C GLU B 46 -9.23 -11.85 4.28
N TRP B 47 -10.40 -12.44 4.47
CA TRP B 47 -10.69 -13.22 5.68
C TRP B 47 -10.17 -14.62 5.45
N MET B 48 -9.13 -15.00 6.22
CA MET B 48 -8.49 -16.30 6.04
C MET B 48 -9.26 -17.38 6.77
N GLY B 49 -9.60 -17.11 8.02
CA GLY B 49 -10.28 -18.10 8.83
C GLY B 49 -10.32 -17.61 10.27
N PHE B 50 -10.92 -18.40 11.15
CA PHE B 50 -10.96 -18.07 12.58
C PHE B 50 -10.96 -19.29 13.50
N ILE B 51 -10.73 -19.05 14.78
CA ILE B 51 -10.65 -20.14 15.74
C ILE B 51 -11.35 -19.75 17.04
N TYR B 52 -12.09 -20.70 17.63
CA TYR B 52 -12.70 -20.50 18.94
C TYR B 52 -11.80 -21.20 19.94
N PRO B 53 -11.06 -20.44 20.75
CA PRO B 53 -9.99 -21.05 21.57
C PRO B 53 -10.47 -22.08 22.59
N ALA B 54 -11.71 -21.99 23.07
CA ALA B 54 -12.19 -22.98 24.07
C ALA B 54 -12.05 -24.41 23.58
N ASP B 55 -12.47 -24.69 22.35
CA ASP B 55 -12.37 -26.04 21.83
C ASP B 55 -11.48 -26.12 20.59
N SER B 56 -10.79 -25.03 20.27
CA SER B 56 -9.98 -24.92 19.05
C SER B 56 -10.74 -25.25 17.76
N ASP B 57 -12.04 -24.96 17.75
CA ASP B 57 -12.84 -25.09 16.54
C ASP B 57 -12.27 -24.12 15.49
N THR B 58 -11.83 -24.65 14.35
CA THR B 58 -11.11 -23.81 13.39
C THR B 58 -11.76 -23.88 12.02
N ARG B 59 -12.07 -22.73 11.43
CA ARG B 59 -12.67 -22.71 10.09
C ARG B 59 -11.85 -21.85 9.15
N TYR B 60 -11.79 -22.24 7.88
CA TYR B 60 -11.06 -21.49 6.85
C TYR B 60 -11.98 -21.17 5.68
N SER B 61 -11.75 -20.04 5.03
CA SER B 61 -12.38 -19.81 3.75
C SER B 61 -11.78 -20.80 2.74
N PRO B 62 -12.55 -21.20 1.72
CA PRO B 62 -12.13 -22.25 0.79
C PRO B 62 -10.78 -21.97 0.13
N SER B 63 -10.48 -20.72 -0.20
CA SER B 63 -9.22 -20.43 -0.87
C SER B 63 -8.03 -20.41 0.08
N PHE B 64 -8.31 -20.41 1.38
CA PHE B 64 -7.24 -20.38 2.39
C PHE B 64 -7.07 -21.72 3.10
N GLN B 65 -7.96 -22.66 2.80
CA GLN B 65 -7.84 -24.01 3.34
C GLN B 65 -6.50 -24.62 2.93
N GLY B 66 -5.72 -25.03 3.92
CA GLY B 66 -4.40 -25.61 3.67
C GLY B 66 -3.33 -24.60 3.29
N GLN B 67 -3.62 -23.31 3.39
CA GLN B 67 -2.67 -22.26 2.96
C GLN B 67 -2.13 -21.45 4.14
N GLY B 68 -2.10 -22.06 5.31
CA GLY B 68 -1.73 -21.36 6.53
C GLY B 68 -2.57 -21.89 7.68
N THR B 69 -1.90 -22.41 8.71
CA THR B 69 -2.60 -23.08 9.81
C THR B 69 -2.83 -22.14 10.98
N ILE B 70 -4.09 -22.07 11.38
CA ILE B 70 -4.51 -21.28 12.53
C ILE B 70 -4.58 -22.18 13.74
N SER B 71 -4.09 -21.70 14.88
CA SER B 71 -4.16 -22.45 16.12
C SER B 71 -4.17 -21.49 17.30
N ALA B 72 -4.35 -22.04 18.50
CA ALA B 72 -4.42 -21.23 19.70
C ALA B 72 -3.93 -22.04 20.88
N ASP B 73 -3.29 -21.37 21.83
CA ASP B 73 -2.84 -21.97 23.07
C ASP B 73 -3.48 -21.16 24.20
N LYS B 74 -4.60 -21.65 24.73
CA LYS B 74 -5.35 -20.85 25.69
C LYS B 74 -4.65 -20.71 27.05
N SER B 75 -3.68 -21.59 27.32
CA SER B 75 -2.93 -21.51 28.57
C SER B 75 -2.06 -20.26 28.61
N ILE B 76 -1.73 -19.69 27.46
CA ILE B 76 -0.99 -18.44 27.40
C ILE B 76 -1.72 -17.39 26.57
N SER B 77 -3.02 -17.60 26.39
CA SER B 77 -3.90 -16.68 25.68
C SER B 77 -3.30 -16.17 24.37
N THR B 78 -2.84 -17.08 23.52
CA THR B 78 -2.16 -16.71 22.28
C THR B 78 -2.74 -17.48 21.11
N ALA B 79 -3.05 -16.77 20.04
CA ALA B 79 -3.49 -17.42 18.80
C ALA B 79 -2.34 -17.33 17.81
N TYR B 80 -2.28 -18.26 16.87
CA TYR B 80 -1.17 -18.33 15.93
C TYR B 80 -1.62 -18.52 14.51
N LEU B 81 -0.74 -18.15 13.59
CA LEU B 81 -0.90 -18.45 12.18
C LEU B 81 0.48 -18.89 11.72
N GLN B 82 0.53 -19.96 10.94
CA GLN B 82 1.83 -20.53 10.59
C GLN B 82 1.85 -21.24 9.25
N TRP B 83 3.02 -21.27 8.64
CA TRP B 83 3.24 -21.92 7.36
C TRP B 83 4.45 -22.83 7.51
N SER B 84 4.40 -24.01 6.89
CA SER B 84 5.55 -24.89 6.92
C SER B 84 6.46 -24.64 5.72
N SER B 85 5.92 -24.06 4.66
CA SER B 85 6.70 -23.79 3.46
C SER B 85 6.24 -22.50 2.80
N LEU B 86 6.85 -21.38 3.17
CA LEU B 86 6.41 -20.09 2.69
C LEU B 86 6.58 -19.91 1.19
N LYS B 87 5.66 -19.14 0.60
CA LYS B 87 5.77 -18.71 -0.78
C LYS B 87 5.88 -17.20 -0.84
N ALA B 88 6.43 -16.69 -1.94
CA ALA B 88 6.58 -15.25 -2.13
C ALA B 88 5.22 -14.56 -2.01
N SER B 89 4.18 -15.24 -2.49
CA SER B 89 2.83 -14.70 -2.49
C SER B 89 2.24 -14.62 -1.08
N ASP B 90 2.89 -15.24 -0.11
CA ASP B 90 2.51 -15.05 1.30
C ASP B 90 2.92 -13.69 1.84
N THR B 91 3.66 -12.93 1.02
CA THR B 91 4.05 -11.56 1.41
C THR B 91 2.80 -10.73 1.67
N ALA B 92 2.67 -10.22 2.88
CA ALA B 92 1.46 -9.50 3.27
C ALA B 92 1.55 -8.97 4.68
N MET B 93 0.60 -8.11 5.01
CA MET B 93 0.33 -7.73 6.38
C MET B 93 -0.72 -8.71 6.87
N TYR B 94 -0.54 -9.24 8.07
CA TYR B 94 -1.54 -10.13 8.68
C TYR B 94 -2.06 -9.50 9.96
N TYR B 95 -3.39 -9.44 10.08
CA TYR B 95 -4.01 -8.93 11.31
C TYR B 95 -4.72 -10.06 12.03
N CYS B 96 -4.74 -10.01 13.36
CA CYS B 96 -5.70 -10.83 14.10
C CYS B 96 -6.74 -9.89 14.68
N ALA B 97 -7.94 -10.41 14.94
CA ALA B 97 -9.03 -9.61 15.44
C ALA B 97 -10.01 -10.46 16.24
N ILE B 98 -10.60 -9.88 17.27
CA ILE B 98 -11.66 -10.55 18.02
C ILE B 98 -13.01 -10.27 17.40
N LEU B 99 -13.87 -11.28 17.32
CA LEU B 99 -15.28 -11.07 16.94
C LEU B 99 -16.15 -10.75 18.15
N GLY B 100 -17.05 -9.78 17.98
CA GLY B 100 -18.16 -9.59 18.90
C GLY B 100 -17.80 -9.22 20.33
N PHE B 101 -16.92 -8.24 20.50
CA PHE B 101 -16.51 -7.91 21.85
C PHE B 101 -17.36 -6.82 22.53
N TRP B 102 -17.82 -5.86 21.75
CA TRP B 102 -18.46 -4.67 22.32
C TRP B 102 -19.96 -4.55 22.07
N GLY B 103 -20.70 -4.22 23.14
CA GLY B 103 -22.07 -3.79 23.02
C GLY B 103 -22.99 -4.82 22.37
N ALA B 104 -23.91 -4.35 21.55
CA ALA B 104 -24.85 -5.24 20.87
C ALA B 104 -24.21 -6.07 19.74
N ASN B 105 -22.94 -5.84 19.44
CA ASN B 105 -22.19 -6.69 18.51
C ASN B 105 -21.75 -7.99 19.19
N ARG B 106 -21.86 -8.04 20.52
CA ARG B 106 -21.59 -9.27 21.24
C ARG B 106 -22.52 -10.40 20.80
N GLY B 107 -21.95 -11.58 20.55
CA GLY B 107 -22.69 -12.68 19.95
C GLY B 107 -22.80 -12.54 18.44
N GLY B 108 -22.21 -11.49 17.88
CA GLY B 108 -22.35 -11.20 16.46
C GLY B 108 -21.06 -11.31 15.68
N GLY B 109 -21.10 -10.94 14.40
CA GLY B 109 -20.00 -11.19 13.49
C GLY B 109 -19.02 -10.03 13.26
N GLY B 110 -19.28 -8.87 13.86
CA GLY B 110 -18.40 -7.74 13.67
C GLY B 110 -17.06 -7.92 14.37
N MET B 111 -15.96 -7.71 13.65
CA MET B 111 -14.63 -7.76 14.25
C MET B 111 -14.27 -6.40 14.82
N ASP B 112 -14.33 -6.26 16.14
CA ASP B 112 -14.22 -4.94 16.76
C ASP B 112 -13.02 -4.68 17.67
N VAL B 113 -12.13 -5.66 17.82
CA VAL B 113 -10.86 -5.42 18.48
C VAL B 113 -9.76 -5.98 17.58
N TRP B 114 -8.82 -5.13 17.16
CA TRP B 114 -7.82 -5.53 16.18
C TRP B 114 -6.41 -5.48 16.73
N GLY B 115 -5.60 -6.46 16.33
CA GLY B 115 -4.18 -6.39 16.55
C GLY B 115 -3.58 -5.27 15.69
N GLN B 116 -2.29 -5.01 15.87
CA GLN B 116 -1.65 -3.90 15.16
C GLN B 116 -1.10 -4.35 13.82
N GLY B 117 -1.14 -5.66 13.57
CA GLY B 117 -0.66 -6.21 12.31
C GLY B 117 0.77 -6.69 12.38
N THR B 118 1.08 -7.72 11.60
CA THR B 118 2.43 -8.23 11.45
C THR B 118 2.78 -8.23 9.97
N THR B 119 3.84 -7.51 9.60
CA THR B 119 4.31 -7.49 8.22
C THR B 119 5.19 -8.70 7.97
N VAL B 120 4.87 -9.45 6.92
CA VAL B 120 5.66 -10.60 6.54
C VAL B 120 6.12 -10.44 5.10
N ILE B 121 7.43 -10.49 4.91
CA ILE B 121 7.99 -10.43 3.58
C ILE B 121 8.64 -11.76 3.26
N VAL B 122 8.20 -12.39 2.18
CA VAL B 122 8.80 -13.63 1.74
C VAL B 122 9.44 -13.36 0.39
N SER B 123 10.76 -13.51 0.32
CA SER B 123 11.50 -13.17 -0.89
C SER B 123 12.77 -13.99 -0.96
N SER B 124 13.11 -14.41 -2.17
CA SER B 124 14.33 -15.18 -2.42
C SER B 124 15.57 -14.28 -2.36
N ALA B 125 15.38 -12.97 -2.31
CA ALA B 125 16.51 -12.05 -2.25
C ALA B 125 17.25 -12.15 -0.93
N SER B 126 18.57 -11.94 -0.98
CA SER B 126 19.39 -11.79 0.22
C SER B 126 19.65 -10.32 0.45
N THR B 127 20.00 -9.98 1.69
CA THR B 127 20.33 -8.62 2.07
C THR B 127 21.43 -8.02 1.18
N LYS B 128 21.23 -6.78 0.74
CA LYS B 128 22.15 -6.14 -0.20
C LYS B 128 22.07 -4.64 -0.16
N GLY B 129 23.20 -3.98 0.02
CA GLY B 129 23.28 -2.53 -0.06
C GLY B 129 23.03 -2.01 -1.47
N PRO B 130 22.63 -0.75 -1.59
CA PRO B 130 22.31 -0.16 -2.89
C PRO B 130 23.55 0.29 -3.66
N SER B 131 23.43 0.34 -4.98
CA SER B 131 24.35 1.13 -5.80
C SER B 131 23.70 2.51 -5.92
N VAL B 132 24.49 3.57 -5.86
CA VAL B 132 23.95 4.92 -5.91
C VAL B 132 24.44 5.60 -7.17
N PHE B 133 23.52 6.02 -8.04
CA PHE B 133 23.93 6.67 -9.28
C PHE B 133 23.49 8.12 -9.31
N PRO B 134 24.36 9.03 -9.78
CA PRO B 134 23.95 10.44 -9.80
C PRO B 134 22.92 10.68 -10.90
N LEU B 135 21.94 11.51 -10.62
CA LEU B 135 20.99 11.93 -11.64
C LEU B 135 21.31 13.38 -11.99
N ALA B 136 22.07 13.55 -13.06
CA ALA B 136 22.68 14.84 -13.38
C ALA B 136 21.63 15.86 -13.82
N PRO B 137 21.79 17.11 -13.36
CA PRO B 137 20.93 18.22 -13.77
C PRO B 137 21.09 18.54 -15.26
N SER B 138 20.01 18.97 -15.88
CA SER B 138 19.98 19.27 -17.31
C SER B 138 21.01 20.31 -17.69
N SER B 139 21.47 20.22 -18.93
CA SER B 139 22.42 21.17 -19.47
C SER B 139 21.76 22.50 -19.83
N LYS B 140 20.45 22.47 -20.02
CA LYS B 140 19.70 23.62 -20.50
C LYS B 140 19.76 24.84 -19.58
N SER B 141 19.89 26.03 -20.17
CA SER B 141 19.85 27.29 -19.43
C SER B 141 18.41 27.69 -19.19
N THR B 142 18.14 28.34 -18.06
CA THR B 142 16.75 28.57 -17.65
C THR B 142 16.33 30.04 -17.58
N SER B 143 17.29 30.93 -17.30
CA SER B 143 17.06 32.38 -17.31
C SER B 143 15.97 32.96 -16.37
N GLY B 144 16.08 32.86 -15.05
CA GLY B 144 16.98 31.99 -14.34
C GLY B 144 16.06 31.21 -13.42
N GLY B 145 15.71 30.01 -13.84
CA GLY B 145 14.79 29.19 -13.08
C GLY B 145 15.53 28.15 -12.28
N THR B 146 15.05 26.92 -12.35
CA THR B 146 15.60 25.85 -11.52
C THR B 146 16.05 24.66 -12.34
N ALA B 147 16.82 23.79 -11.68
CA ALA B 147 17.18 22.51 -12.27
C ALA B 147 16.92 21.40 -11.25
N ALA B 148 16.51 20.24 -11.73
CA ALA B 148 16.32 19.09 -10.86
C ALA B 148 17.58 18.22 -10.91
N LEU B 149 18.08 17.85 -9.74
CA LEU B 149 19.18 16.89 -9.66
C LEU B 149 18.91 15.88 -8.55
N GLY B 150 19.45 14.67 -8.69
CA GLY B 150 19.19 13.66 -7.69
C GLY B 150 20.10 12.45 -7.64
N CYS B 151 19.68 11.47 -6.85
CA CYS B 151 20.41 10.21 -6.70
C CYS B 151 19.46 9.06 -6.89
N LEU B 152 19.87 8.12 -7.74
CA LEU B 152 19.13 6.90 -7.94
C LEU B 152 19.72 5.89 -6.98
N VAL B 153 18.91 5.40 -6.04
CA VAL B 153 19.38 4.42 -5.05
C VAL B 153 18.87 3.06 -5.48
N LYS B 154 19.74 2.28 -6.11
CA LYS B 154 19.28 1.11 -6.86
C LYS B 154 19.62 -0.27 -6.28
N ASP B 155 18.65 -1.18 -6.37
CA ASP B 155 18.89 -2.60 -6.12
C ASP B 155 19.33 -2.90 -4.70
N TYR B 156 18.50 -2.57 -3.73
CA TYR B 156 18.81 -2.90 -2.35
C TYR B 156 17.71 -3.77 -1.78
N PHE B 157 18.01 -4.39 -0.65
CA PHE B 157 17.08 -5.27 0.05
C PHE B 157 17.58 -5.54 1.47
N PRO B 158 16.67 -5.50 2.46
CA PRO B 158 15.27 -5.10 2.32
C PRO B 158 15.14 -3.60 2.51
N GLU B 159 13.91 -3.09 2.55
CA GLU B 159 13.69 -1.70 2.95
C GLU B 159 14.05 -1.59 4.42
N PRO B 160 14.36 -0.38 4.90
CA PRO B 160 14.37 0.92 4.23
C PRO B 160 15.77 1.46 3.97
N VAL B 161 15.84 2.52 3.17
CA VAL B 161 17.03 3.36 3.10
C VAL B 161 16.62 4.76 3.51
N THR B 162 17.56 5.53 4.04
CA THR B 162 17.33 6.95 4.27
C THR B 162 18.27 7.72 3.35
N VAL B 163 17.87 8.93 2.96
CA VAL B 163 18.71 9.77 2.13
C VAL B 163 18.72 11.19 2.68
N SER B 164 19.87 11.84 2.64
CA SER B 164 19.97 13.24 3.01
C SER B 164 20.85 13.93 1.99
N TRP B 165 20.89 15.26 2.02
CA TRP B 165 21.74 16.00 1.09
C TRP B 165 22.68 16.96 1.80
N ASN B 166 23.94 16.95 1.39
CA ASN B 166 24.97 17.78 2.01
C ASN B 166 25.03 17.59 3.53
N SER B 167 24.87 16.34 3.95
CA SER B 167 24.91 15.94 5.37
C SER B 167 23.81 16.62 6.16
N GLY B 168 22.62 16.70 5.58
CA GLY B 168 21.47 17.28 6.27
C GLY B 168 21.41 18.80 6.18
N ALA B 169 22.46 19.40 5.65
CA ALA B 169 22.55 20.86 5.52
C ALA B 169 21.75 21.40 4.34
N LEU B 170 21.09 20.50 3.61
CA LEU B 170 20.26 20.89 2.49
C LEU B 170 18.93 20.17 2.58
N THR B 171 17.87 20.92 2.84
CA THR B 171 16.57 20.33 3.10
C THR B 171 15.46 20.87 2.22
N SER B 172 15.50 22.16 1.90
CA SER B 172 14.44 22.73 1.08
C SER B 172 14.65 22.36 -0.38
N GLY B 173 13.57 21.91 -1.02
CA GLY B 173 13.66 21.49 -2.41
C GLY B 173 13.94 20.01 -2.50
N VAL B 174 14.28 19.41 -1.36
CA VAL B 174 14.59 17.99 -1.31
C VAL B 174 13.33 17.16 -1.34
N HIS B 175 13.30 16.18 -2.23
CA HIS B 175 12.18 15.29 -2.36
C HIS B 175 12.62 13.83 -2.56
N THR B 176 12.34 12.96 -1.59
CA THR B 176 12.71 11.56 -1.69
C THR B 176 11.48 10.70 -1.89
N PHE B 177 11.45 9.97 -3.01
CA PHE B 177 10.27 9.22 -3.40
C PHE B 177 10.28 7.82 -2.79
N PRO B 178 9.09 7.24 -2.60
CA PRO B 178 9.01 5.87 -2.10
C PRO B 178 9.53 4.86 -3.11
N ALA B 179 9.88 3.68 -2.59
CA ALA B 179 10.56 2.68 -3.38
C ALA B 179 9.65 1.92 -4.34
N VAL B 180 10.25 1.44 -5.40
CA VAL B 180 9.59 0.52 -6.29
C VAL B 180 10.24 -0.84 -6.07
N LEU B 181 9.57 -1.91 -6.46
CA LEU B 181 10.12 -3.25 -6.32
C LEU B 181 10.15 -3.92 -7.68
N GLN B 182 11.33 -4.32 -8.12
CA GLN B 182 11.49 -4.91 -9.43
C GLN B 182 11.30 -6.42 -9.33
N SER B 183 11.11 -7.07 -10.48
CA SER B 183 10.88 -8.51 -10.51
C SER B 183 12.12 -9.29 -10.05
N SER B 184 13.26 -8.62 -9.96
CA SER B 184 14.46 -9.22 -9.40
C SER B 184 14.35 -9.40 -7.89
N GLY B 185 13.35 -8.76 -7.29
CA GLY B 185 13.17 -8.83 -5.85
C GLY B 185 13.90 -7.75 -5.09
N LEU B 186 14.58 -6.86 -5.80
CA LEU B 186 15.27 -5.75 -5.15
C LEU B 186 14.52 -4.42 -5.31
N TYR B 187 14.68 -3.53 -4.33
CA TYR B 187 14.05 -2.22 -4.36
C TYR B 187 14.96 -1.14 -4.93
N SER B 188 14.34 -0.08 -5.43
CA SER B 188 15.06 1.13 -5.81
C SER B 188 14.20 2.33 -5.46
N LEU B 189 14.83 3.46 -5.18
CA LEU B 189 14.10 4.71 -5.07
C LEU B 189 14.99 5.84 -5.54
N SER B 190 14.39 7.03 -5.65
CA SER B 190 15.16 8.19 -6.02
C SER B 190 14.87 9.34 -5.07
N SER B 191 15.87 10.18 -4.88
CA SER B 191 15.75 11.38 -4.10
C SER B 191 16.22 12.52 -5.00
N VAL B 192 15.42 13.57 -5.10
CA VAL B 192 15.72 14.65 -6.03
C VAL B 192 15.65 15.98 -5.28
N VAL B 193 16.50 16.91 -5.67
CA VAL B 193 16.44 18.24 -5.09
C VAL B 193 16.35 19.25 -6.23
N THR B 194 15.52 20.27 -6.01
CA THR B 194 15.36 21.33 -6.99
C THR B 194 16.09 22.56 -6.50
N VAL B 195 17.04 23.03 -7.30
CA VAL B 195 17.90 24.15 -6.93
C VAL B 195 17.96 25.20 -8.04
N PRO B 196 18.42 26.42 -7.71
CA PRO B 196 18.64 27.42 -8.76
C PRO B 196 19.62 26.92 -9.82
N SER B 197 19.22 26.99 -11.09
CA SER B 197 20.06 26.51 -12.18
C SER B 197 21.33 27.35 -12.29
N SER B 198 21.28 28.55 -11.71
CA SER B 198 22.43 29.43 -11.67
C SER B 198 23.53 28.90 -10.73
N SER B 199 23.12 28.25 -9.64
CA SER B 199 24.06 27.78 -8.64
C SER B 199 24.71 26.44 -9.00
N LEU B 200 24.44 25.94 -10.20
CA LEU B 200 24.96 24.63 -10.61
C LEU B 200 26.48 24.53 -10.55
N GLY B 201 27.17 25.31 -11.38
CA GLY B 201 28.62 25.29 -11.37
C GLY B 201 29.25 25.77 -10.06
N THR B 202 28.43 26.30 -9.17
CA THR B 202 28.92 26.91 -7.93
C THR B 202 28.81 25.99 -6.71
N GLN B 203 27.60 25.52 -6.45
CA GLN B 203 27.30 24.78 -5.23
C GLN B 203 27.63 23.29 -5.35
N THR B 204 28.05 22.68 -4.25
CA THR B 204 28.33 21.25 -4.23
C THR B 204 27.11 20.47 -3.73
N TYR B 205 26.75 19.42 -4.47
CA TYR B 205 25.60 18.63 -4.10
C TYR B 205 25.97 17.17 -3.88
N ILE B 206 25.76 16.68 -2.66
CA ILE B 206 26.13 15.32 -2.28
C ILE B 206 24.99 14.62 -1.55
N CYS B 207 24.51 13.51 -2.11
CA CYS B 207 23.47 12.74 -1.41
C CYS B 207 24.12 11.73 -0.47
N ASN B 208 23.54 11.59 0.72
CA ASN B 208 24.07 10.66 1.70
C ASN B 208 23.05 9.57 1.89
N VAL B 209 23.41 8.36 1.46
CA VAL B 209 22.48 7.24 1.49
C VAL B 209 22.90 6.24 2.56
N ASN B 210 21.94 5.85 3.39
CA ASN B 210 22.21 4.94 4.49
C ASN B 210 21.28 3.74 4.37
N HIS B 211 21.85 2.54 4.33
CA HIS B 211 21.06 1.31 4.30
C HIS B 211 21.42 0.41 5.49
N LYS B 212 20.71 0.60 6.60
CA LYS B 212 21.05 -0.11 7.85
C LYS B 212 21.07 -1.64 7.78
N PRO B 213 20.07 -2.27 7.14
CA PRO B 213 20.10 -3.74 7.13
C PRO B 213 21.34 -4.37 6.50
N SER B 214 22.06 -3.64 5.65
CA SER B 214 23.29 -4.17 5.09
C SER B 214 24.50 -3.41 5.62
N ASN B 215 24.26 -2.55 6.61
CA ASN B 215 25.28 -1.66 7.15
C ASN B 215 26.12 -0.99 6.08
N THR B 216 25.44 -0.29 5.17
CA THR B 216 26.11 0.39 4.08
C THR B 216 25.81 1.88 4.13
N LYS B 217 26.83 2.69 3.94
CA LYS B 217 26.64 4.12 3.73
C LYS B 217 27.39 4.55 2.48
N VAL B 218 26.72 5.35 1.65
CA VAL B 218 27.32 5.83 0.42
C VAL B 218 27.12 7.34 0.32
N ASP B 219 28.20 8.06 0.05
CA ASP B 219 28.08 9.48 -0.27
C ASP B 219 28.38 9.62 -1.75
N LYS B 220 27.54 10.35 -2.46
CA LYS B 220 27.73 10.54 -3.89
C LYS B 220 27.56 12.00 -4.29
N LYS B 221 28.60 12.59 -4.89
CA LYS B 221 28.49 13.95 -5.41
C LYS B 221 27.81 13.95 -6.77
N VAL B 222 26.86 14.87 -6.96
CA VAL B 222 26.13 14.95 -8.22
C VAL B 222 26.49 16.24 -8.95
N GLU B 223 27.11 16.09 -10.10
CA GLU B 223 27.61 17.22 -10.88
C GLU B 223 26.89 17.30 -12.22
N PRO B 224 26.93 18.47 -12.88
CA PRO B 224 26.40 18.61 -14.24
C PRO B 224 27.06 17.64 -15.22
N LYS B 225 26.34 17.24 -16.27
CA LYS B 225 26.88 16.33 -17.28
C LYS B 225 28.14 16.87 -17.95
N SER B 226 28.93 15.97 -18.54
CA SER B 226 30.15 16.37 -19.23
C SER B 226 29.80 17.18 -20.47
N CYS B 227 28.87 16.65 -21.27
CA CYS B 227 28.43 17.31 -22.49
C CYS B 227 27.79 18.66 -22.20
N ASP B 228 27.33 18.85 -20.96
CA ASP B 228 26.83 20.13 -20.50
C ASP B 228 27.96 21.16 -20.59
N LYS B 229 27.88 22.03 -21.59
CA LYS B 229 28.85 23.10 -21.75
C LYS B 229 28.42 24.33 -20.95
N THR B 230 27.46 24.09 -20.03
CA THR B 230 26.99 25.07 -19.04
C THR B 230 26.79 26.49 -19.56
N THR C 3 -25.17 -19.24 25.27
CA THR C 3 -24.03 -19.70 24.48
C THR C 3 -23.12 -18.54 24.11
N ARG C 4 -21.83 -18.69 24.36
CA ARG C 4 -20.89 -17.64 23.99
C ARG C 4 -20.25 -17.89 22.63
N LYS C 5 -20.41 -19.11 22.12
CA LYS C 5 -19.76 -19.51 20.87
C LYS C 5 -20.55 -19.11 19.63
N SER C 6 -21.87 -19.04 19.80
CA SER C 6 -22.77 -18.81 18.68
C SER C 6 -22.53 -17.44 18.02
N ILE C 7 -22.63 -17.40 16.70
CA ILE C 7 -22.47 -16.15 15.95
C ILE C 7 -23.69 -15.87 15.11
N ARG C 8 -24.35 -14.74 15.35
CA ARG C 8 -25.47 -14.34 14.52
C ARG C 8 -24.92 -13.90 13.16
N ILE C 9 -25.49 -14.41 12.07
CA ILE C 9 -24.99 -14.05 10.73
C ILE C 9 -26.09 -13.48 9.86
N GLY C 10 -27.32 -13.59 10.32
CA GLY C 10 -28.48 -13.10 9.60
C GLY C 10 -29.71 -13.31 10.46
N PRO C 11 -30.85 -12.70 10.08
CA PRO C 11 -32.10 -12.90 10.85
C PRO C 11 -32.43 -14.37 11.01
N GLY C 12 -32.48 -14.82 12.26
CA GLY C 12 -32.76 -16.20 12.60
C GLY C 12 -31.70 -17.20 12.18
N GLN C 13 -30.47 -16.74 11.96
CA GLN C 13 -29.43 -17.62 11.43
C GLN C 13 -28.12 -17.45 12.16
N ALA C 14 -27.46 -18.56 12.47
CA ALA C 14 -26.17 -18.57 13.13
C ALA C 14 -25.11 -19.18 12.23
N PHE C 15 -23.85 -18.78 12.42
CA PHE C 15 -22.73 -19.40 11.71
C PHE C 15 -22.80 -20.92 11.92
N TYR C 16 -22.50 -21.66 10.85
CA TYR C 16 -22.57 -23.12 10.88
C TYR C 16 -21.85 -23.77 12.08
N ALA C 17 -22.59 -24.63 12.77
CA ALA C 17 -22.05 -25.44 13.86
C ALA C 17 -21.42 -24.64 15.01
N THR C 18 -22.03 -23.51 15.35
CA THR C 18 -21.52 -22.71 16.46
C THR C 18 -22.44 -22.76 17.69
N GLY C 19 -23.26 -23.80 17.77
CA GLY C 19 -24.19 -23.96 18.89
C GLY C 19 -23.57 -24.65 20.09
C1 GOL D . -20.43 -20.80 -1.00
O1 GOL D . -19.58 -20.28 -2.01
C2 GOL D . -21.87 -20.45 -1.34
O2 GOL D . -22.74 -20.80 -0.28
C3 GOL D . -21.90 -18.95 -1.64
O3 GOL D . -22.98 -18.29 -1.01
C1 GOL E . -13.16 5.18 13.22
O1 GOL E . -11.92 4.94 13.85
C2 GOL E . -13.35 6.68 13.05
O2 GOL E . -12.50 7.13 12.02
C3 GOL E . -14.80 6.96 12.68
O3 GOL E . -14.88 8.29 12.22
C1 GOL F . -24.42 -1.40 21.43
O1 GOL F . -25.21 -1.39 22.61
C2 GOL F . -23.75 -0.04 21.28
O2 GOL F . -22.81 0.10 22.32
C3 GOL F . -23.07 -0.05 19.93
O3 GOL F . -24.05 -0.24 18.92
C1 GOL G . 13.56 19.52 -25.38
O1 GOL G . 14.17 19.95 -26.58
C2 GOL G . 13.37 18.01 -25.43
O2 GOL G . 13.85 17.43 -24.22
C3 GOL G . 11.89 17.66 -25.62
O3 GOL G . 11.35 18.35 -26.73
C1 GOL H . -2.99 -0.20 6.26
O1 GOL H . -1.66 -0.68 6.30
C2 GOL H . -3.15 0.81 5.14
O2 GOL H . -1.93 1.02 4.45
C3 GOL H . -4.23 0.39 4.15
O3 GOL H . -4.53 1.50 3.35
C1 GOL I . 27.89 11.80 -18.30
O1 GOL I . 29.02 11.78 -17.46
C2 GOL I . 26.61 11.73 -17.47
O2 GOL I . 26.03 10.44 -17.55
C3 GOL I . 26.90 12.03 -16.01
O3 GOL I . 25.92 11.38 -15.22
C1 GOL J . -27.49 0.99 17.26
O1 GOL J . -28.39 -0.03 16.91
C2 GOL J . -27.66 2.18 16.30
O2 GOL J . -26.41 2.55 15.79
C3 GOL J . -28.58 1.83 15.14
O3 GOL J . -28.44 2.81 14.14
C1 GOL K . -3.77 -0.09 14.29
O1 GOL K . -2.84 -0.16 15.35
C2 GOL K . -4.65 1.14 14.37
O2 GOL K . -4.60 1.77 13.13
C3 GOL K . -6.10 0.74 14.71
O3 GOL K . -7.05 1.29 13.81
S SO4 L . 7.67 15.80 0.81
O1 SO4 L . 6.56 15.05 1.41
O2 SO4 L . 7.12 16.83 -0.07
O3 SO4 L . 8.47 16.42 1.86
O4 SO4 L . 8.51 14.89 0.04
S SO4 M . -15.51 13.26 13.90
O1 SO4 M . -16.97 13.28 14.05
O2 SO4 M . -15.05 14.63 13.65
O3 SO4 M . -14.90 12.74 15.14
O4 SO4 M . -15.11 12.39 12.80
S SO4 N . -5.16 8.94 1.57
O1 SO4 N . -5.74 10.09 2.27
O2 SO4 N . -5.52 8.99 0.15
O3 SO4 N . -3.70 8.95 1.71
O4 SO4 N . -5.72 7.70 2.13
S SO4 O . 6.48 -3.98 -24.92
O1 SO4 O . 5.56 -3.12 -25.65
O2 SO4 O . 7.02 -5.00 -25.82
O3 SO4 O . 7.59 -3.18 -24.38
O4 SO4 O . 5.77 -4.63 -23.80
S SO4 P . -29.73 5.61 11.30
O1 SO4 P . -30.09 5.30 12.69
O2 SO4 P . -30.64 6.62 10.76
O3 SO4 P . -28.37 6.14 11.26
O4 SO4 P . -29.83 4.39 10.50
S SO4 Q . -31.72 -2.47 15.84
O1 SO4 Q . -33.11 -2.91 15.89
O2 SO4 Q . -31.31 -2.30 14.43
O3 SO4 Q . -31.55 -1.20 16.55
O4 SO4 Q . -30.89 -3.48 16.48
C ACT R . -28.15 13.48 -1.52
O ACT R . -27.12 13.63 -2.22
OXT ACT R . -28.06 13.79 -0.31
CH3 ACT R . -29.43 12.96 -2.12
C ACT S . 6.93 20.58 -16.00
O ACT S . 6.54 20.66 -17.18
OXT ACT S . 6.63 19.54 -15.37
CH3 ACT S . 7.73 21.69 -15.37
C ACT T . 8.61 17.29 -24.75
O ACT T . 9.03 16.11 -24.75
OXT ACT T . 8.52 17.85 -23.63
CH3 ACT T . 8.24 18.01 -26.02
C1 GOL U . 18.46 15.73 -16.87
O1 GOL U . 18.89 15.11 -18.07
C2 GOL U . 17.06 16.30 -17.04
O2 GOL U . 16.32 15.45 -17.89
C3 GOL U . 16.37 16.47 -15.70
O3 GOL U . 16.97 17.53 -14.96
C1 GOL V . -8.31 -28.03 13.68
O1 GOL V . -7.74 -29.28 13.95
C2 GOL V . -9.73 -28.20 13.16
O2 GOL V . -9.96 -29.48 12.63
C3 GOL V . -10.77 -27.90 14.24
O3 GOL V . -11.97 -27.52 13.58
C1 GOL W . 22.54 29.25 -16.63
O1 GOL W . 22.21 28.19 -17.51
C2 GOL W . 21.32 30.12 -16.43
O2 GOL W . 20.19 29.51 -16.99
C3 GOL W . 21.12 30.34 -14.93
O3 GOL W . 19.88 30.99 -14.72
C1 GOL X . 2.44 -24.23 3.54
O1 GOL X . 3.54 -23.65 4.19
C2 GOL X . 1.25 -23.46 4.07
O2 GOL X . 0.34 -23.21 3.01
C3 GOL X . 0.61 -24.26 5.20
O3 GOL X . 1.60 -24.89 5.99
C1 GOL Y . -9.08 -8.73 -1.95
O1 GOL Y . -10.11 -7.80 -2.23
C2 GOL Y . -8.01 -8.63 -3.02
O2 GOL Y . -7.47 -7.33 -3.03
C3 GOL Y . -6.91 -9.66 -2.81
O3 GOL Y . -6.13 -9.73 -4.00
C1 GOL Z . 23.33 -4.99 -8.52
O1 GOL Z . 22.08 -5.63 -8.34
C2 GOL Z . 23.20 -3.51 -8.18
O2 GOL Z . 24.26 -3.05 -7.36
C3 GOL Z . 23.29 -2.72 -9.46
O3 GOL Z . 22.51 -1.55 -9.32
C1 GOL AA . -8.50 -16.91 29.81
O1 GOL AA . -8.20 -15.59 29.39
C2 GOL AA . -9.99 -17.07 30.04
O2 GOL AA . -10.49 -18.14 29.27
C3 GOL AA . -10.30 -17.28 31.52
O3 GOL AA . -11.65 -17.68 31.68
C1 GOL BA . 28.15 4.03 -5.38
O1 GOL BA . 27.16 3.05 -5.23
C2 GOL BA . 28.29 4.37 -6.85
O2 GOL BA . 28.99 5.59 -7.03
C3 GOL BA . 28.97 3.24 -7.60
O3 GOL BA . 28.49 3.25 -8.92
C1 GOL CA . 6.34 -18.58 -5.31
O1 GOL CA . 7.13 -18.69 -4.15
C2 GOL CA . 4.87 -18.37 -4.95
O2 GOL CA . 4.57 -17.00 -4.87
C3 GOL CA . 3.89 -19.05 -5.92
O3 GOL CA . 2.56 -18.91 -5.44
C1 GOL DA . 6.27 -3.90 -1.11
O1 GOL DA . 6.66 -3.03 -2.16
C2 GOL DA . 6.71 -5.32 -1.41
O2 GOL DA . 6.95 -5.99 -0.18
C3 GOL DA . 5.58 -6.02 -2.18
O3 GOL DA . 5.89 -7.38 -2.42
C1 GOL EA . -3.11 -18.97 -1.45
O1 GOL EA . -1.90 -19.65 -1.14
C2 GOL EA . -3.88 -18.61 -0.18
O2 GOL EA . -2.97 -18.29 0.85
C3 GOL EA . -4.82 -17.43 -0.40
O3 GOL EA . -5.86 -17.70 -1.31
S SO4 FA . 11.23 -4.95 -14.00
O1 SO4 FA . 10.71 -5.17 -12.64
O2 SO4 FA . 10.12 -4.91 -14.95
O3 SO4 FA . 11.98 -3.69 -14.02
O4 SO4 FA . 12.14 -6.04 -14.36
S SO4 GA . -14.90 -11.06 29.46
O1 SO4 GA . -16.18 -11.71 29.18
O2 SO4 GA . -15.05 -9.60 29.45
O3 SO4 GA . -14.42 -11.45 30.79
O4 SO4 GA . -13.92 -11.46 28.47
C ACT HA . 23.23 25.17 -16.43
O ACT HA . 22.58 24.57 -17.32
OXT ACT HA . 22.64 26.06 -15.80
CH3 ACT HA . 24.66 24.82 -16.15
C ACT IA . -11.62 -22.54 29.40
O ACT IA . -12.63 -22.63 30.15
OXT ACT IA . -11.74 -23.02 28.25
CH3 ACT IA . -10.36 -21.87 29.88
C ACT JA . -4.98 -10.52 31.46
O ACT JA . -6.03 -11.16 31.19
OXT ACT JA . -5.13 -9.38 31.94
CH3 ACT JA . -3.62 -11.10 31.22
C ACT KA . -22.72 -21.16 27.41
O ACT KA . -23.64 -21.89 26.95
OXT ACT KA . -21.56 -21.61 27.32
CH3 ACT KA . -23.01 -19.82 28.02
#